data_2BTZ
#
_entry.id   2BTZ
#
_cell.length_a   109.317
_cell.length_b   109.317
_cell.length_c   85.087
_cell.angle_alpha   90.00
_cell.angle_beta   90.00
_cell.angle_gamma   120.00
#
_symmetry.space_group_name_H-M   'P 64'
#
_entity_poly.entity_id   1
_entity_poly.type   'polypeptide(L)'
_entity_poly.pdbx_seq_one_letter_code
;GSAPKYIEHFSKFSPSPLSMKQFLDFGSSNACEKTSFTFLRQELPVRLANIMKEINLLPDRVLSTPSVQLVQSWYVQSLL
DIMEFLDKDPEDHRTLSQFTDALVTIRNRHNDVVPTMAQGVLEYKDTYGDDPVSNQNIQYFLDRFYLSRISIRMLINQHT
LIFDGSTNPAHPKHIGSIDPNCNVSEVVKDAYDMAKLLCDKYYMASPDLEIQEINAANSKQPIHMVYVPSHLYHMLFELF
KNAMRATVESHESSLILPPIKVMVALGEEDLSIKMSDRGGGVPLRKIERLFSYMYSTAPTPQPGTGGTPLAGFGYGLPIS
RLYAKYFQGDLQLFSMEGFGTDAVIYLKALSTDSVERLPVYNKSAWRHYQTIQEAGDWCVPSTEPKNTSTYRVS
;
_entity_poly.pdbx_strand_id   A
#
# COMPACT_ATOMS: atom_id res chain seq x y z
N GLY A 1 -27.35 -14.20 -11.67
CA GLY A 1 -27.87 -14.14 -10.28
C GLY A 1 -27.14 -15.09 -9.35
N SER A 2 -25.84 -15.30 -9.60
CA SER A 2 -25.06 -16.21 -8.76
C SER A 2 -23.83 -15.60 -8.07
N ALA A 3 -23.77 -14.28 -7.98
CA ALA A 3 -22.62 -13.63 -7.34
C ALA A 3 -22.52 -14.05 -5.87
N PRO A 4 -23.61 -13.91 -5.09
CA PRO A 4 -23.60 -14.28 -3.67
C PRO A 4 -23.05 -15.69 -3.45
N LYS A 5 -23.44 -16.60 -4.34
CA LYS A 5 -23.00 -17.99 -4.27
C LYS A 5 -21.48 -18.12 -4.33
N TYR A 6 -20.87 -17.48 -5.32
CA TYR A 6 -19.43 -17.53 -5.49
C TYR A 6 -18.71 -16.99 -4.25
N ILE A 7 -19.07 -15.76 -3.88
CA ILE A 7 -18.48 -15.12 -2.72
C ILE A 7 -18.52 -16.10 -1.54
N GLU A 8 -19.65 -16.76 -1.37
CA GLU A 8 -19.81 -17.70 -0.28
C GLU A 8 -18.88 -18.91 -0.44
N HIS A 9 -18.61 -19.27 -1.70
CA HIS A 9 -17.73 -20.40 -1.97
C HIS A 9 -16.26 -20.09 -1.73
N PHE A 10 -15.73 -19.12 -2.48
CA PHE A 10 -14.32 -18.78 -2.35
C PHE A 10 -13.93 -18.13 -1.02
N SER A 11 -14.90 -17.57 -0.29
CA SER A 11 -14.59 -16.95 0.98
C SER A 11 -14.28 -18.03 2.02
N LYS A 12 -14.50 -19.29 1.67
CA LYS A 12 -14.23 -20.40 2.57
C LYS A 12 -12.75 -20.74 2.53
N PHE A 13 -12.06 -20.21 1.53
CA PHE A 13 -10.64 -20.43 1.35
C PHE A 13 -9.84 -19.27 1.94
N SER A 14 -8.55 -19.51 2.16
CA SER A 14 -7.67 -18.48 2.68
C SER A 14 -6.71 -18.10 1.58
N PRO A 15 -6.47 -16.79 1.41
CA PRO A 15 -5.53 -16.42 0.36
C PRO A 15 -4.16 -17.03 0.69
N SER A 16 -3.32 -17.18 -0.32
CA SER A 16 -2.01 -17.78 -0.13
C SER A 16 -0.91 -16.73 -0.32
N PRO A 17 -0.33 -16.26 0.79
CA PRO A 17 0.74 -15.26 0.72
C PRO A 17 1.97 -15.82 0.04
N LEU A 18 2.56 -15.06 -0.87
CA LEU A 18 3.75 -15.51 -1.57
C LEU A 18 5.00 -14.77 -1.10
N SER A 19 6.13 -15.46 -1.12
CA SER A 19 7.40 -14.87 -0.72
C SER A 19 7.95 -14.14 -1.94
N MET A 20 8.94 -13.27 -1.72
CA MET A 20 9.54 -12.52 -2.80
C MET A 20 10.33 -13.52 -3.64
N LYS A 21 10.70 -14.64 -3.03
CA LYS A 21 11.45 -15.66 -3.73
C LYS A 21 10.52 -16.38 -4.70
N GLN A 22 9.31 -16.67 -4.24
CA GLN A 22 8.33 -17.32 -5.10
C GLN A 22 7.98 -16.46 -6.30
N PHE A 23 7.85 -15.14 -6.11
CA PHE A 23 7.53 -14.26 -7.22
C PHE A 23 8.58 -14.39 -8.30
N LEU A 24 9.85 -14.40 -7.89
CA LEU A 24 10.95 -14.53 -8.84
C LEU A 24 10.79 -15.80 -9.66
N ASP A 25 10.38 -16.88 -8.99
CA ASP A 25 10.17 -18.17 -9.63
C ASP A 25 9.12 -18.09 -10.73
N PHE A 26 7.87 -17.89 -10.33
CA PHE A 26 6.76 -17.80 -11.28
C PHE A 26 7.04 -16.75 -12.35
N GLY A 27 8.04 -15.92 -12.11
CA GLY A 27 8.40 -14.88 -13.06
C GLY A 27 9.54 -15.34 -13.94
N SER A 28 10.57 -15.88 -13.31
CA SER A 28 11.75 -16.39 -14.00
C SER A 28 12.05 -15.61 -15.28
N SER A 29 12.26 -16.34 -16.37
CA SER A 29 12.55 -15.73 -17.66
C SER A 29 11.73 -16.48 -18.72
N ASN A 30 11.41 -17.73 -18.42
CA ASN A 30 10.65 -18.58 -19.33
C ASN A 30 9.43 -19.24 -18.68
N ALA A 31 9.46 -19.38 -17.35
CA ALA A 31 8.35 -19.99 -16.62
C ALA A 31 7.02 -19.73 -17.34
N CYS A 32 6.41 -20.78 -17.85
CA CYS A 32 5.16 -20.67 -18.59
C CYS A 32 4.01 -20.01 -17.84
N GLU A 33 3.31 -19.12 -18.54
CA GLU A 33 2.18 -18.41 -17.98
C GLU A 33 1.05 -19.37 -17.68
N LYS A 34 1.21 -20.61 -18.12
CA LYS A 34 0.21 -21.64 -17.90
C LYS A 34 0.02 -21.85 -16.40
N THR A 35 1.13 -21.98 -15.67
CA THR A 35 1.10 -22.17 -14.23
C THR A 35 0.43 -20.95 -13.59
N SER A 36 0.84 -19.77 -14.04
CA SER A 36 0.29 -18.52 -13.53
C SER A 36 -1.23 -18.49 -13.71
N PHE A 37 -1.69 -18.80 -14.92
CA PHE A 37 -3.10 -18.82 -15.24
C PHE A 37 -3.90 -19.74 -14.32
N THR A 38 -3.42 -20.97 -14.18
CA THR A 38 -4.10 -21.96 -13.33
C THR A 38 -4.12 -21.48 -11.89
N PHE A 39 -3.03 -20.86 -11.45
CA PHE A 39 -2.93 -20.35 -10.08
C PHE A 39 -3.84 -19.13 -9.89
N LEU A 40 -3.60 -18.09 -10.68
CA LEU A 40 -4.39 -16.86 -10.60
C LEU A 40 -5.88 -17.08 -10.74
N ARG A 41 -6.25 -18.09 -11.52
CA ARG A 41 -7.64 -18.43 -11.77
C ARG A 41 -8.37 -18.76 -10.46
N GLN A 42 -7.64 -19.28 -9.48
CA GLN A 42 -8.22 -19.64 -8.20
C GLN A 42 -7.96 -18.57 -7.12
N GLU A 43 -6.71 -18.15 -7.00
CA GLU A 43 -6.29 -17.16 -6.01
C GLU A 43 -7.08 -15.84 -6.06
N LEU A 44 -7.11 -15.21 -7.24
CA LEU A 44 -7.83 -13.94 -7.39
C LEU A 44 -9.28 -14.04 -6.88
N PRO A 45 -10.00 -15.10 -7.25
CA PRO A 45 -11.38 -15.23 -6.76
C PRO A 45 -11.40 -15.36 -5.24
N VAL A 46 -10.40 -16.05 -4.69
CA VAL A 46 -10.29 -16.22 -3.23
C VAL A 46 -10.07 -14.88 -2.53
N ARG A 47 -9.21 -14.06 -3.10
CA ARG A 47 -8.90 -12.77 -2.49
C ARG A 47 -10.08 -11.80 -2.57
N LEU A 48 -10.77 -11.79 -3.71
CA LEU A 48 -11.92 -10.91 -3.91
C LEU A 48 -13.05 -11.27 -2.97
N ALA A 49 -13.32 -12.57 -2.87
CA ALA A 49 -14.37 -13.10 -2.03
C ALA A 49 -14.17 -12.75 -0.58
N ASN A 50 -12.95 -12.94 -0.09
CA ASN A 50 -12.63 -12.65 1.30
C ASN A 50 -12.94 -11.19 1.67
N ILE A 51 -12.45 -10.26 0.86
CA ILE A 51 -12.68 -8.85 1.13
C ILE A 51 -14.16 -8.47 0.95
N MET A 52 -14.82 -9.07 -0.04
CA MET A 52 -16.23 -8.79 -0.30
C MET A 52 -17.09 -9.32 0.83
N LYS A 53 -16.70 -10.47 1.37
CA LYS A 53 -17.44 -11.08 2.46
C LYS A 53 -17.34 -10.14 3.67
N GLU A 54 -16.17 -9.56 3.87
CA GLU A 54 -15.95 -8.65 4.99
C GLU A 54 -16.75 -7.35 4.82
N ILE A 55 -16.81 -6.87 3.59
CA ILE A 55 -17.56 -5.65 3.28
C ILE A 55 -19.03 -5.87 3.64
N ASN A 56 -19.65 -6.90 3.07
CA ASN A 56 -21.05 -7.20 3.33
C ASN A 56 -21.35 -7.37 4.82
N LEU A 57 -20.31 -7.42 5.65
CA LEU A 57 -20.52 -7.60 7.07
C LEU A 57 -20.24 -6.39 7.97
N LEU A 58 -20.65 -5.21 7.51
CA LEU A 58 -20.48 -3.98 8.27
C LEU A 58 -21.78 -3.16 8.17
N PRO A 59 -22.02 -2.25 9.11
CA PRO A 59 -23.21 -1.41 9.15
C PRO A 59 -23.87 -1.10 7.80
N ASP A 60 -25.20 -1.20 7.76
CA ASP A 60 -25.98 -0.98 6.54
C ASP A 60 -25.83 0.41 5.91
N ARG A 61 -25.48 1.41 6.71
CA ARG A 61 -25.32 2.74 6.16
C ARG A 61 -24.03 2.82 5.36
N VAL A 62 -23.01 2.12 5.84
CA VAL A 62 -21.74 2.10 5.16
C VAL A 62 -21.92 1.31 3.87
N LEU A 63 -22.83 0.34 3.90
CA LEU A 63 -23.12 -0.49 2.73
C LEU A 63 -24.01 0.26 1.74
N SER A 64 -25.04 0.92 2.27
CA SER A 64 -26.00 1.66 1.46
C SER A 64 -25.43 2.93 0.82
N THR A 65 -24.27 3.38 1.30
CA THR A 65 -23.64 4.57 0.74
C THR A 65 -23.30 4.32 -0.72
N PRO A 66 -23.38 5.36 -1.55
CA PRO A 66 -23.09 5.22 -2.98
C PRO A 66 -21.68 4.72 -3.28
N SER A 67 -20.70 5.14 -2.49
CA SER A 67 -19.31 4.75 -2.70
C SER A 67 -19.04 3.27 -2.44
N VAL A 68 -19.19 2.86 -1.18
CA VAL A 68 -18.96 1.47 -0.81
C VAL A 68 -19.75 0.50 -1.67
N GLN A 69 -21.05 0.76 -1.81
CA GLN A 69 -21.90 -0.10 -2.62
C GLN A 69 -21.40 -0.03 -4.06
N LEU A 70 -20.89 1.14 -4.43
CA LEU A 70 -20.37 1.34 -5.77
C LEU A 70 -19.12 0.51 -6.02
N VAL A 71 -18.12 0.59 -5.15
CA VAL A 71 -16.90 -0.20 -5.37
C VAL A 71 -17.26 -1.68 -5.21
N GLN A 72 -18.17 -1.98 -4.29
CA GLN A 72 -18.59 -3.36 -4.07
C GLN A 72 -19.10 -3.92 -5.39
N SER A 73 -19.84 -3.09 -6.14
CA SER A 73 -20.37 -3.53 -7.41
C SER A 73 -19.27 -3.73 -8.44
N TRP A 74 -18.14 -3.05 -8.25
CA TRP A 74 -17.01 -3.19 -9.16
C TRP A 74 -16.37 -4.55 -8.93
N TYR A 75 -16.25 -4.91 -7.66
CA TYR A 75 -15.66 -6.18 -7.28
C TYR A 75 -16.53 -7.33 -7.75
N VAL A 76 -17.84 -7.15 -7.71
CA VAL A 76 -18.76 -8.19 -8.15
C VAL A 76 -18.49 -8.44 -9.63
N GLN A 77 -18.39 -7.37 -10.40
CA GLN A 77 -18.12 -7.52 -11.82
C GLN A 77 -16.84 -8.31 -12.04
N SER A 78 -15.76 -7.85 -11.42
CA SER A 78 -14.47 -8.51 -11.57
C SER A 78 -14.47 -9.99 -11.17
N LEU A 79 -15.21 -10.33 -10.11
CA LEU A 79 -15.28 -11.71 -9.64
C LEU A 79 -15.79 -12.55 -10.82
N LEU A 80 -16.93 -12.14 -11.38
CA LEU A 80 -17.55 -12.82 -12.51
C LEU A 80 -16.58 -12.89 -13.69
N ASP A 81 -15.98 -11.75 -14.02
CA ASP A 81 -15.02 -11.64 -15.11
C ASP A 81 -14.01 -12.79 -15.13
N ILE A 82 -13.61 -13.23 -13.94
CA ILE A 82 -12.61 -14.29 -13.82
C ILE A 82 -13.19 -15.70 -13.80
N MET A 83 -14.36 -15.87 -13.20
CA MET A 83 -15.02 -17.18 -13.13
C MET A 83 -14.98 -17.82 -14.52
N GLU A 84 -15.23 -16.99 -15.53
CA GLU A 84 -15.26 -17.38 -16.93
C GLU A 84 -14.13 -18.30 -17.39
N PHE A 85 -13.05 -18.36 -16.62
CA PHE A 85 -11.91 -19.18 -17.02
C PHE A 85 -11.76 -20.49 -16.24
N LEU A 86 -12.56 -20.68 -15.19
CA LEU A 86 -12.48 -21.89 -14.38
C LEU A 86 -12.62 -23.18 -15.19
N ASP A 87 -13.47 -23.14 -16.21
CA ASP A 87 -13.69 -24.31 -17.06
C ASP A 87 -13.10 -24.13 -18.44
N LYS A 88 -11.94 -23.48 -18.50
CA LYS A 88 -11.23 -23.24 -19.74
C LYS A 88 -9.93 -24.00 -19.63
N ASP A 89 -9.31 -24.31 -20.78
CA ASP A 89 -8.05 -25.04 -20.74
C ASP A 89 -6.92 -24.33 -21.46
N PRO A 90 -5.70 -24.42 -20.91
CA PRO A 90 -4.54 -23.79 -21.53
C PRO A 90 -4.33 -24.38 -22.92
N GLU A 91 -3.07 -24.50 -23.32
CA GLU A 91 -2.73 -25.06 -24.63
C GLU A 91 -3.22 -24.11 -25.72
N ASP A 92 -4.45 -23.61 -25.57
CA ASP A 92 -5.03 -22.68 -26.54
C ASP A 92 -4.36 -21.32 -26.32
N HIS A 93 -3.40 -21.01 -27.18
CA HIS A 93 -2.66 -19.76 -27.13
C HIS A 93 -3.60 -18.56 -27.10
N ARG A 94 -4.90 -18.84 -27.04
CA ARG A 94 -5.92 -17.80 -27.02
C ARG A 94 -6.51 -17.68 -25.62
N THR A 95 -6.87 -18.83 -25.04
CA THR A 95 -7.45 -18.86 -23.70
C THR A 95 -6.62 -17.99 -22.75
N LEU A 96 -5.30 -18.10 -22.86
CA LEU A 96 -4.39 -17.34 -22.02
C LEU A 96 -4.44 -15.86 -22.38
N SER A 97 -4.33 -15.57 -23.67
CA SER A 97 -4.33 -14.19 -24.15
C SER A 97 -5.53 -13.39 -23.65
N GLN A 98 -6.74 -13.95 -23.80
CA GLN A 98 -7.94 -13.26 -23.36
C GLN A 98 -8.02 -13.12 -21.84
N PHE A 99 -7.16 -13.85 -21.13
CA PHE A 99 -7.10 -13.79 -19.67
C PHE A 99 -6.45 -12.46 -19.28
N THR A 100 -5.29 -12.17 -19.89
CA THR A 100 -4.58 -10.94 -19.62
C THR A 100 -5.49 -9.77 -19.97
N ASP A 101 -6.08 -9.84 -21.16
CA ASP A 101 -6.99 -8.79 -21.62
C ASP A 101 -8.04 -8.57 -20.54
N ALA A 102 -8.43 -9.65 -19.88
CA ALA A 102 -9.43 -9.58 -18.82
C ALA A 102 -8.81 -8.93 -17.57
N LEU A 103 -7.55 -9.27 -17.28
CA LEU A 103 -6.87 -8.71 -16.12
C LEU A 103 -6.67 -7.21 -16.34
N VAL A 104 -6.10 -6.86 -17.49
CA VAL A 104 -5.88 -5.46 -17.80
C VAL A 104 -7.19 -4.70 -17.68
N THR A 105 -8.27 -5.31 -18.16
CA THR A 105 -9.58 -4.68 -18.09
C THR A 105 -10.02 -4.49 -16.64
N ILE A 106 -9.77 -5.50 -15.80
CA ILE A 106 -10.13 -5.42 -14.40
C ILE A 106 -9.35 -4.32 -13.69
N ARG A 107 -8.11 -4.11 -14.11
CA ARG A 107 -7.26 -3.10 -13.51
C ARG A 107 -7.79 -1.68 -13.69
N ASN A 108 -8.14 -1.34 -14.93
CA ASN A 108 -8.67 -0.01 -15.24
C ASN A 108 -9.99 0.23 -14.52
N ARG A 109 -10.77 -0.83 -14.40
CA ARG A 109 -12.06 -0.72 -13.74
C ARG A 109 -11.90 -0.29 -12.28
N HIS A 110 -10.78 -0.69 -11.66
CA HIS A 110 -10.51 -0.37 -10.26
C HIS A 110 -9.57 0.84 -10.04
N ASN A 111 -9.04 1.40 -11.12
CA ASN A 111 -8.13 2.53 -11.04
C ASN A 111 -8.51 3.69 -10.13
N ASP A 112 -9.78 3.80 -9.74
CA ASP A 112 -10.19 4.90 -8.89
C ASP A 112 -10.80 4.48 -7.56
N VAL A 113 -10.46 3.28 -7.10
CA VAL A 113 -11.00 2.79 -5.85
C VAL A 113 -10.59 3.67 -4.67
N VAL A 114 -9.35 4.13 -4.66
CA VAL A 114 -8.87 4.95 -3.55
C VAL A 114 -9.64 6.25 -3.44
N PRO A 115 -9.64 7.07 -4.50
CA PRO A 115 -10.38 8.33 -4.41
C PRO A 115 -11.84 8.08 -4.02
N THR A 116 -12.46 7.06 -4.63
CA THR A 116 -13.85 6.74 -4.35
C THR A 116 -14.08 6.34 -2.91
N MET A 117 -13.32 5.36 -2.43
CA MET A 117 -13.48 4.91 -1.05
C MET A 117 -13.22 6.11 -0.14
N ALA A 118 -12.28 6.97 -0.54
CA ALA A 118 -11.96 8.14 0.24
C ALA A 118 -13.18 9.06 0.29
N GLN A 119 -14.00 9.01 -0.76
CA GLN A 119 -15.20 9.84 -0.80
C GLN A 119 -16.25 9.37 0.20
N GLY A 120 -16.30 8.06 0.42
CA GLY A 120 -17.25 7.52 1.38
C GLY A 120 -16.90 7.96 2.78
N VAL A 121 -15.61 8.10 3.03
CA VAL A 121 -15.14 8.53 4.35
C VAL A 121 -15.66 9.93 4.66
N LEU A 122 -15.53 10.86 3.72
CA LEU A 122 -16.02 12.22 3.94
C LEU A 122 -17.54 12.20 4.14
N GLU A 123 -18.25 11.41 3.33
CA GLU A 123 -19.70 11.31 3.45
C GLU A 123 -20.05 10.80 4.84
N TYR A 124 -19.32 9.80 5.33
CA TYR A 124 -19.58 9.25 6.64
C TYR A 124 -19.40 10.32 7.72
N LYS A 125 -18.32 11.09 7.62
CA LYS A 125 -18.06 12.15 8.58
C LYS A 125 -19.25 13.11 8.68
N ASP A 126 -19.76 13.55 7.53
CA ASP A 126 -20.89 14.48 7.49
C ASP A 126 -22.21 13.82 7.86
N THR A 127 -22.33 12.52 7.60
CA THR A 127 -23.56 11.80 7.89
C THR A 127 -23.69 11.26 9.33
N TYR A 128 -22.58 10.76 9.91
CA TYR A 128 -22.63 10.21 11.26
C TYR A 128 -21.71 10.82 12.31
N GLY A 129 -20.71 11.57 11.88
CA GLY A 129 -19.80 12.18 12.84
C GLY A 129 -18.44 11.52 12.91
N ASP A 130 -17.55 12.12 13.68
CA ASP A 130 -16.19 11.62 13.83
C ASP A 130 -15.81 11.08 15.20
N ASP A 131 -16.63 10.19 15.75
CA ASP A 131 -16.35 9.61 17.08
C ASP A 131 -15.23 8.55 17.01
N PRO A 132 -14.49 8.37 18.12
CA PRO A 132 -13.40 7.39 18.19
C PRO A 132 -13.74 5.99 17.69
N VAL A 133 -14.94 5.50 18.02
CA VAL A 133 -15.34 4.17 17.57
C VAL A 133 -15.50 4.09 16.07
N SER A 134 -16.07 5.13 15.48
CA SER A 134 -16.24 5.16 14.02
C SER A 134 -14.85 5.16 13.39
N ASN A 135 -13.96 5.97 13.95
CA ASN A 135 -12.58 6.07 13.47
C ASN A 135 -11.93 4.68 13.43
N GLN A 136 -12.01 4.00 14.56
CA GLN A 136 -11.45 2.66 14.71
C GLN A 136 -11.98 1.70 13.64
N ASN A 137 -13.31 1.62 13.51
CA ASN A 137 -13.94 0.74 12.53
C ASN A 137 -13.52 1.03 11.10
N ILE A 138 -13.45 2.31 10.77
CA ILE A 138 -13.04 2.71 9.43
C ILE A 138 -11.56 2.40 9.22
N GLN A 139 -10.75 2.71 10.22
CA GLN A 139 -9.31 2.50 10.17
C GLN A 139 -9.01 1.02 9.96
N TYR A 140 -9.66 0.19 10.79
CA TYR A 140 -9.48 -1.26 10.71
C TYR A 140 -9.85 -1.79 9.33
N PHE A 141 -11.06 -1.44 8.86
CA PHE A 141 -11.53 -1.89 7.56
C PHE A 141 -10.70 -1.40 6.38
N LEU A 142 -10.46 -0.09 6.31
CA LEU A 142 -9.69 0.48 5.21
C LEU A 142 -8.25 -0.05 5.10
N ASP A 143 -7.59 -0.29 6.23
CA ASP A 143 -6.23 -0.82 6.15
C ASP A 143 -6.28 -2.18 5.46
N ARG A 144 -7.22 -3.02 5.88
CA ARG A 144 -7.34 -4.35 5.29
C ARG A 144 -7.77 -4.26 3.82
N PHE A 145 -8.79 -3.46 3.56
CA PHE A 145 -9.29 -3.31 2.19
C PHE A 145 -8.19 -2.87 1.25
N TYR A 146 -7.48 -1.80 1.63
CA TYR A 146 -6.41 -1.26 0.79
C TYR A 146 -5.23 -2.22 0.64
N LEU A 147 -4.90 -2.94 1.73
CA LEU A 147 -3.80 -3.90 1.66
C LEU A 147 -4.24 -5.03 0.71
N SER A 148 -5.47 -5.48 0.88
CA SER A 148 -6.00 -6.52 0.00
C SER A 148 -5.81 -6.09 -1.46
N ARG A 149 -6.15 -4.82 -1.74
CA ARG A 149 -6.05 -4.30 -3.09
C ARG A 149 -4.63 -4.24 -3.60
N ILE A 150 -3.72 -3.80 -2.74
CA ILE A 150 -2.33 -3.75 -3.16
C ILE A 150 -1.87 -5.12 -3.64
N SER A 151 -2.23 -6.17 -2.90
CA SER A 151 -1.81 -7.52 -3.28
C SER A 151 -2.44 -8.00 -4.59
N ILE A 152 -3.73 -7.76 -4.75
CA ILE A 152 -4.40 -8.16 -5.98
C ILE A 152 -3.77 -7.45 -7.17
N ARG A 153 -3.48 -6.16 -7.01
CA ARG A 153 -2.84 -5.42 -8.09
C ARG A 153 -1.43 -5.95 -8.34
N MET A 154 -0.79 -6.44 -7.27
CA MET A 154 0.56 -7.00 -7.38
C MET A 154 0.51 -8.21 -8.31
N LEU A 155 -0.34 -9.17 -7.97
CA LEU A 155 -0.45 -10.39 -8.79
C LEU A 155 -0.74 -10.01 -10.24
N ILE A 156 -1.77 -9.20 -10.44
CA ILE A 156 -2.15 -8.76 -11.77
C ILE A 156 -1.02 -8.11 -12.54
N ASN A 157 -0.24 -7.26 -11.86
CA ASN A 157 0.87 -6.57 -12.50
C ASN A 157 1.98 -7.51 -12.91
N GLN A 158 2.29 -8.48 -12.05
CA GLN A 158 3.35 -9.41 -12.38
C GLN A 158 3.00 -10.19 -13.64
N HIS A 159 1.76 -10.69 -13.69
CA HIS A 159 1.28 -11.46 -14.83
C HIS A 159 1.27 -10.66 -16.13
N THR A 160 0.46 -9.59 -16.17
CA THR A 160 0.37 -8.78 -17.38
C THR A 160 1.72 -8.27 -17.86
N LEU A 161 2.55 -7.82 -16.93
CA LEU A 161 3.88 -7.29 -17.27
C LEU A 161 4.82 -8.32 -17.90
N ILE A 162 4.86 -9.51 -17.33
CA ILE A 162 5.76 -10.56 -17.80
C ILE A 162 5.34 -11.28 -19.10
N PHE A 163 4.07 -11.66 -19.17
CA PHE A 163 3.57 -12.41 -20.32
C PHE A 163 3.02 -11.61 -21.50
N ASP A 164 3.81 -11.58 -22.58
CA ASP A 164 3.45 -10.88 -23.82
C ASP A 164 3.69 -11.80 -25.01
N LYS A 173 16.70 -8.97 -16.35
CA LYS A 173 17.10 -7.96 -15.37
C LYS A 173 15.97 -7.70 -14.37
N HIS A 174 14.81 -7.31 -14.89
CA HIS A 174 13.66 -7.05 -14.05
C HIS A 174 12.62 -8.16 -14.21
N ILE A 175 12.09 -8.65 -13.09
CA ILE A 175 11.08 -9.69 -13.14
C ILE A 175 9.74 -9.01 -12.92
N GLY A 176 9.29 -8.28 -13.93
CA GLY A 176 8.03 -7.57 -13.83
C GLY A 176 8.24 -6.26 -13.09
N SER A 177 7.57 -6.11 -11.94
CA SER A 177 7.69 -4.91 -11.13
C SER A 177 8.79 -5.07 -10.09
N ILE A 178 9.37 -6.26 -10.03
CA ILE A 178 10.42 -6.57 -9.07
C ILE A 178 11.82 -6.41 -9.65
N ASP A 179 12.71 -5.78 -8.88
CA ASP A 179 14.10 -5.58 -9.31
C ASP A 179 14.98 -6.35 -8.34
N PRO A 180 15.55 -7.48 -8.79
CA PRO A 180 16.40 -8.30 -7.92
C PRO A 180 17.68 -7.60 -7.49
N ASN A 181 17.98 -6.45 -8.10
CA ASN A 181 19.18 -5.69 -7.74
C ASN A 181 18.88 -4.21 -7.53
N CYS A 182 17.78 -3.92 -6.87
CA CYS A 182 17.38 -2.54 -6.63
C CYS A 182 18.41 -1.80 -5.78
N ASN A 183 18.91 -0.68 -6.30
CA ASN A 183 19.86 0.15 -5.56
C ASN A 183 19.03 1.20 -4.82
N VAL A 184 18.91 1.03 -3.51
CA VAL A 184 18.10 1.95 -2.73
C VAL A 184 18.39 3.45 -2.86
N SER A 185 19.66 3.83 -2.77
CA SER A 185 20.01 5.24 -2.87
C SER A 185 19.52 5.89 -4.15
N GLU A 186 19.49 5.10 -5.22
CA GLU A 186 19.07 5.59 -6.53
C GLU A 186 17.59 5.93 -6.52
N VAL A 187 16.78 5.07 -5.91
CA VAL A 187 15.35 5.33 -5.86
C VAL A 187 15.14 6.55 -4.96
N VAL A 188 16.01 6.71 -3.96
CA VAL A 188 15.88 7.84 -3.04
C VAL A 188 16.08 9.14 -3.83
N LYS A 189 17.11 9.14 -4.69
CA LYS A 189 17.41 10.31 -5.51
C LYS A 189 16.26 10.65 -6.44
N ASP A 190 15.71 9.65 -7.11
CA ASP A 190 14.59 9.87 -8.00
C ASP A 190 13.43 10.53 -7.25
N ALA A 191 12.99 9.91 -6.14
CA ALA A 191 11.87 10.47 -5.38
C ALA A 191 12.15 11.91 -4.95
N TYR A 192 13.38 12.18 -4.54
CA TYR A 192 13.78 13.54 -4.12
C TYR A 192 13.65 14.49 -5.32
N ASP A 193 14.21 14.10 -6.46
CA ASP A 193 14.16 14.95 -7.66
C ASP A 193 12.75 15.41 -8.02
N MET A 194 11.81 14.48 -8.03
CA MET A 194 10.42 14.81 -8.35
C MET A 194 9.85 15.79 -7.32
N ALA A 195 10.08 15.48 -6.04
CA ALA A 195 9.57 16.33 -4.97
C ALA A 195 10.17 17.73 -5.06
N LYS A 196 11.47 17.80 -5.32
CA LYS A 196 12.15 19.09 -5.46
C LYS A 196 11.50 19.89 -6.59
N LEU A 197 11.28 19.22 -7.71
CA LEU A 197 10.66 19.86 -8.87
C LEU A 197 9.36 20.54 -8.46
N LEU A 198 8.47 19.79 -7.81
CA LEU A 198 7.19 20.33 -7.38
C LEU A 198 7.36 21.39 -6.32
N CYS A 199 8.39 21.23 -5.50
CA CYS A 199 8.63 22.18 -4.43
C CYS A 199 9.03 23.54 -5.01
N ASP A 200 9.91 23.51 -5.99
CA ASP A 200 10.36 24.75 -6.63
C ASP A 200 9.22 25.45 -7.36
N LYS A 201 8.34 24.68 -8.01
CA LYS A 201 7.21 25.25 -8.74
C LYS A 201 6.26 26.02 -7.82
N TYR A 202 5.93 25.43 -6.69
CA TYR A 202 5.00 26.07 -5.76
C TYR A 202 5.65 27.05 -4.79
N TYR A 203 6.81 26.70 -4.25
CA TYR A 203 7.49 27.57 -3.27
C TYR A 203 8.65 28.40 -3.81
N MET A 204 9.15 28.07 -4.99
CA MET A 204 10.27 28.81 -5.56
C MET A 204 11.46 28.77 -4.59
N ALA A 205 11.58 27.62 -3.91
CA ALA A 205 12.66 27.37 -2.97
C ALA A 205 12.53 25.91 -2.55
N SER A 206 13.65 25.28 -2.19
CA SER A 206 13.62 23.88 -1.79
C SER A 206 14.94 23.51 -1.14
N PRO A 207 14.88 22.66 -0.09
CA PRO A 207 16.10 22.23 0.60
C PRO A 207 16.89 21.24 -0.25
N ASP A 208 18.17 21.11 0.03
CA ASP A 208 19.00 20.16 -0.70
C ASP A 208 18.90 18.77 -0.06
N LEU A 209 19.64 17.82 -0.61
CA LEU A 209 19.62 16.45 -0.10
C LEU A 209 21.02 15.93 0.21
N GLU A 210 21.10 15.18 1.30
CA GLU A 210 22.37 14.56 1.69
C GLU A 210 22.02 13.09 1.93
N ILE A 211 22.81 12.19 1.36
CA ILE A 211 22.55 10.77 1.56
C ILE A 211 23.78 10.12 2.13
N GLN A 212 23.58 9.18 3.05
CA GLN A 212 24.66 8.46 3.68
C GLN A 212 24.24 7.01 3.88
N GLU A 213 25.07 6.06 3.48
CA GLU A 213 24.70 4.68 3.73
C GLU A 213 25.65 3.97 4.66
N ILE A 214 25.13 2.96 5.36
CA ILE A 214 25.90 2.19 6.32
C ILE A 214 25.70 0.73 5.98
N ASN A 215 26.68 0.14 5.30
CA ASN A 215 26.59 -1.27 4.93
C ASN A 215 27.36 -2.00 6.02
N ALA A 216 26.67 -2.30 7.11
CA ALA A 216 27.25 -2.97 8.27
C ALA A 216 28.24 -4.10 7.97
N ALA A 217 27.84 -5.08 7.17
CA ALA A 217 28.71 -6.22 6.88
C ALA A 217 29.75 -6.00 5.77
N ASN A 218 29.53 -5.01 4.90
CA ASN A 218 30.47 -4.72 3.81
C ASN A 218 30.65 -3.23 3.56
N SER A 219 31.35 -2.59 4.50
CA SER A 219 31.66 -1.16 4.52
C SER A 219 31.48 -0.25 3.30
N LYS A 220 32.10 -0.55 2.17
CA LYS A 220 31.95 0.37 1.05
C LYS A 220 31.07 -0.09 -0.10
N GLN A 221 30.60 -1.33 -0.05
CA GLN A 221 29.75 -1.84 -1.10
C GLN A 221 28.40 -1.15 -1.12
N PRO A 222 27.95 -0.70 -2.31
CA PRO A 222 26.66 -0.02 -2.40
C PRO A 222 25.58 -0.96 -1.89
N ILE A 223 24.50 -0.39 -1.35
CA ILE A 223 23.42 -1.19 -0.82
C ILE A 223 22.37 -1.56 -1.89
N HIS A 224 22.17 -2.86 -2.08
CA HIS A 224 21.18 -3.38 -3.05
C HIS A 224 20.23 -4.33 -2.32
N MET A 225 19.07 -4.57 -2.91
CA MET A 225 18.10 -5.47 -2.31
C MET A 225 17.12 -5.92 -3.39
N VAL A 226 16.34 -6.96 -3.06
CA VAL A 226 15.31 -7.45 -3.97
C VAL A 226 14.04 -6.73 -3.52
N TYR A 227 13.45 -5.93 -4.40
CA TYR A 227 12.24 -5.21 -4.03
C TYR A 227 11.46 -4.66 -5.23
N VAL A 228 10.34 -4.01 -4.97
CA VAL A 228 9.51 -3.40 -6.01
C VAL A 228 9.82 -1.90 -5.98
N PRO A 229 10.73 -1.45 -6.86
CA PRO A 229 11.07 -0.03 -6.88
C PRO A 229 9.94 1.01 -6.92
N SER A 230 8.83 0.72 -7.60
CA SER A 230 7.75 1.69 -7.64
C SER A 230 7.09 1.82 -6.25
N HIS A 231 7.05 0.72 -5.51
CA HIS A 231 6.49 0.73 -4.16
C HIS A 231 7.35 1.64 -3.28
N LEU A 232 8.67 1.46 -3.36
CA LEU A 232 9.62 2.23 -2.55
C LEU A 232 9.56 3.70 -2.95
N TYR A 233 9.41 3.95 -4.24
CA TYR A 233 9.32 5.31 -4.77
C TYR A 233 8.14 6.05 -4.15
N HIS A 234 6.98 5.42 -4.18
CA HIS A 234 5.76 5.99 -3.65
C HIS A 234 5.92 6.40 -2.19
N MET A 235 6.48 5.51 -1.39
CA MET A 235 6.68 5.80 0.03
C MET A 235 7.61 7.01 0.21
N LEU A 236 8.76 6.97 -0.45
CA LEU A 236 9.74 8.05 -0.34
C LEU A 236 9.26 9.41 -0.87
N PHE A 237 8.47 9.39 -1.93
CA PHE A 237 7.96 10.63 -2.52
C PHE A 237 7.02 11.31 -1.53
N GLU A 238 6.16 10.51 -0.90
CA GLU A 238 5.23 11.04 0.07
C GLU A 238 6.01 11.72 1.20
N LEU A 239 7.02 11.02 1.73
CA LEU A 239 7.83 11.55 2.83
C LEU A 239 8.61 12.81 2.42
N PHE A 240 9.26 12.81 1.27
CA PHE A 240 9.99 14.00 0.83
C PHE A 240 9.08 15.22 0.73
N LYS A 241 7.88 15.06 0.14
CA LYS A 241 6.94 16.16 0.00
C LYS A 241 6.58 16.77 1.35
N ASN A 242 6.34 15.92 2.35
CA ASN A 242 5.98 16.43 3.67
C ASN A 242 7.19 17.13 4.28
N ALA A 243 8.36 16.50 4.18
CA ALA A 243 9.57 17.08 4.74
C ALA A 243 9.95 18.40 4.06
N MET A 244 9.67 18.53 2.76
CA MET A 244 10.02 19.77 2.07
C MET A 244 9.10 20.90 2.49
N ARG A 245 7.80 20.64 2.44
CA ARG A 245 6.80 21.63 2.80
C ARG A 245 7.03 22.16 4.23
N ALA A 246 7.28 21.25 5.17
CA ALA A 246 7.52 21.67 6.55
C ALA A 246 8.77 22.51 6.68
N THR A 247 9.84 22.11 5.99
CA THR A 247 11.09 22.85 6.07
C THR A 247 10.93 24.24 5.46
N VAL A 248 10.26 24.31 4.31
CA VAL A 248 10.03 25.57 3.61
C VAL A 248 9.15 26.52 4.43
N GLU A 249 7.94 26.08 4.75
CA GLU A 249 7.02 26.91 5.51
C GLU A 249 7.52 27.33 6.89
N SER A 250 8.33 26.49 7.54
CA SER A 250 8.84 26.83 8.87
C SER A 250 10.03 27.79 8.83
N HIS A 251 10.54 28.08 7.63
CA HIS A 251 11.67 29.00 7.51
C HIS A 251 11.39 30.20 6.57
N GLU A 252 10.12 30.55 6.41
CA GLU A 252 9.71 31.63 5.51
C GLU A 252 10.11 32.97 6.03
N SER A 253 10.66 33.00 7.23
CA SER A 253 11.04 34.27 7.82
C SER A 253 12.49 34.22 8.16
N SER A 254 13.16 33.22 7.62
CA SER A 254 14.54 32.98 7.86
C SER A 254 15.09 32.80 6.45
N LEU A 255 16.40 32.60 6.34
CA LEU A 255 17.05 32.50 5.04
C LEU A 255 17.85 31.24 4.85
N ILE A 256 18.36 30.67 5.93
CA ILE A 256 19.16 29.44 5.85
C ILE A 256 18.25 28.23 5.77
N LEU A 257 17.63 27.86 4.65
CA LEU A 257 16.84 26.64 4.82
C LEU A 257 17.75 25.41 4.85
N PRO A 258 17.61 24.60 5.89
CA PRO A 258 18.41 23.39 6.07
C PRO A 258 18.04 22.25 5.16
N PRO A 259 18.98 21.32 4.96
CA PRO A 259 18.79 20.16 4.10
C PRO A 259 18.10 18.97 4.73
N ILE A 260 17.56 18.11 3.87
CA ILE A 260 16.90 16.88 4.31
C ILE A 260 17.99 15.82 4.25
N LYS A 261 18.22 15.12 5.35
CA LYS A 261 19.25 14.08 5.39
C LYS A 261 18.64 12.69 5.42
N VAL A 262 19.18 11.81 4.60
CA VAL A 262 18.69 10.45 4.54
C VAL A 262 19.78 9.45 4.83
N MET A 263 19.46 8.44 5.62
CA MET A 263 20.44 7.41 5.89
C MET A 263 19.86 6.08 5.47
N VAL A 264 20.65 5.32 4.73
CA VAL A 264 20.23 4.00 4.30
C VAL A 264 21.16 3.03 5.01
N ALA A 265 20.59 2.19 5.86
CA ALA A 265 21.37 1.23 6.62
C ALA A 265 20.99 -0.20 6.30
N LEU A 266 22.00 -1.05 6.13
CA LEU A 266 21.77 -2.46 5.84
C LEU A 266 22.33 -3.32 6.96
N GLY A 267 21.45 -3.93 7.76
CA GLY A 267 21.90 -4.78 8.85
C GLY A 267 21.70 -6.25 8.54
N GLU A 268 21.76 -7.13 9.53
CA GLU A 268 21.59 -8.58 9.26
C GLU A 268 20.21 -8.95 8.75
N GLU A 269 19.17 -8.28 9.22
CA GLU A 269 17.84 -8.60 8.72
C GLU A 269 17.01 -7.41 8.28
N ASP A 270 17.42 -6.21 8.68
CA ASP A 270 16.69 -5.00 8.29
C ASP A 270 17.47 -4.12 7.31
N LEU A 271 16.72 -3.47 6.42
CA LEU A 271 17.28 -2.49 5.50
C LEU A 271 16.42 -1.27 5.91
N SER A 272 17.07 -0.28 6.52
CA SER A 272 16.34 0.88 7.01
C SER A 272 16.68 2.19 6.34
N ILE A 273 15.66 3.02 6.12
CA ILE A 273 15.84 4.30 5.47
C ILE A 273 15.27 5.38 6.37
N LYS A 274 16.14 6.23 6.91
CA LYS A 274 15.63 7.29 7.76
C LYS A 274 15.74 8.65 7.05
N MET A 275 14.65 9.41 7.06
CA MET A 275 14.63 10.74 6.48
C MET A 275 14.44 11.75 7.60
N SER A 276 15.46 12.59 7.81
CA SER A 276 15.46 13.61 8.87
C SER A 276 15.37 15.01 8.31
N ASP A 277 14.42 15.80 8.80
CA ASP A 277 14.27 17.18 8.34
C ASP A 277 14.27 18.08 9.57
N ARG A 278 14.33 19.39 9.34
CA ARG A 278 14.31 20.35 10.42
C ARG A 278 13.15 21.28 10.11
N GLY A 279 12.02 20.68 9.76
CA GLY A 279 10.83 21.43 9.40
C GLY A 279 9.97 21.95 10.53
N GLY A 280 10.53 22.03 11.73
CA GLY A 280 9.76 22.56 12.85
C GLY A 280 9.13 21.54 13.78
N GLY A 281 8.86 20.34 13.26
CA GLY A 281 8.26 19.31 14.09
C GLY A 281 6.76 19.42 14.32
N VAL A 282 6.21 18.40 14.97
CA VAL A 282 4.78 18.31 15.28
C VAL A 282 4.59 17.74 16.68
N PRO A 283 3.60 18.27 17.44
CA PRO A 283 3.40 17.74 18.80
C PRO A 283 3.04 16.26 18.69
N LEU A 284 3.34 15.50 19.74
CA LEU A 284 3.05 14.06 19.74
C LEU A 284 1.60 13.73 19.45
N ARG A 285 0.68 14.49 20.04
CA ARG A 285 -0.74 14.22 19.85
C ARG A 285 -1.21 14.32 18.42
N LYS A 286 -0.61 15.18 17.61
CA LYS A 286 -1.04 15.28 16.23
C LYS A 286 -0.42 14.20 15.35
N ILE A 287 0.67 13.58 15.81
CA ILE A 287 1.32 12.52 15.03
C ILE A 287 0.35 11.36 14.85
N GLU A 288 -0.28 10.97 15.95
CA GLU A 288 -1.22 9.86 15.97
C GLU A 288 -2.33 9.98 14.93
N ARG A 289 -2.80 11.21 14.70
CA ARG A 289 -3.88 11.49 13.75
C ARG A 289 -3.43 11.50 12.29
N LEU A 290 -2.13 11.70 12.08
CA LEU A 290 -1.59 11.73 10.73
C LEU A 290 -1.81 10.41 10.00
N PHE A 291 -1.97 9.31 10.74
CA PHE A 291 -2.19 8.01 10.10
C PHE A 291 -3.66 7.60 10.03
N SER A 292 -4.55 8.42 10.58
CA SER A 292 -5.97 8.11 10.57
C SER A 292 -6.65 8.63 9.31
N TYR A 293 -7.39 7.75 8.63
CA TYR A 293 -8.10 8.14 7.42
C TYR A 293 -9.15 9.19 7.74
N MET A 294 -9.88 8.96 8.82
CA MET A 294 -10.94 9.88 9.21
C MET A 294 -10.40 11.25 9.59
N TYR A 295 -9.53 11.28 10.60
CA TYR A 295 -8.93 12.52 11.09
C TYR A 295 -8.08 13.26 10.05
N SER A 296 -7.85 12.65 8.89
CA SER A 296 -7.05 13.31 7.85
C SER A 296 -7.91 13.55 6.61
N THR A 297 -9.20 13.76 6.83
CA THR A 297 -10.16 14.00 5.75
C THR A 297 -10.83 15.37 5.83
N ALA A 298 -11.13 15.93 4.66
CA ALA A 298 -11.77 17.24 4.58
C ALA A 298 -12.23 17.46 3.13
N PRO A 299 -12.89 18.61 2.85
CA PRO A 299 -13.24 19.70 3.76
C PRO A 299 -14.29 19.30 4.81
N GLY A 314 -4.30 14.27 2.58
CA GLY A 314 -4.73 13.05 1.92
C GLY A 314 -4.33 11.80 2.69
N TYR A 315 -4.41 10.65 2.03
CA TYR A 315 -4.05 9.38 2.67
C TYR A 315 -2.64 8.92 2.31
N GLY A 316 -1.80 9.87 1.87
CA GLY A 316 -0.43 9.56 1.50
C GLY A 316 0.26 8.74 2.57
N LEU A 317 0.24 9.23 3.81
CA LEU A 317 0.88 8.52 4.89
C LEU A 317 0.30 7.16 5.25
N PRO A 318 -1.00 7.08 5.57
CA PRO A 318 -1.52 5.75 5.91
C PRO A 318 -1.38 4.71 4.79
N ILE A 319 -1.55 5.14 3.55
CA ILE A 319 -1.40 4.19 2.47
C ILE A 319 0.08 3.88 2.28
N SER A 320 0.95 4.87 2.42
CA SER A 320 2.39 4.60 2.27
C SER A 320 2.78 3.53 3.31
N ARG A 321 2.25 3.62 4.52
CA ARG A 321 2.55 2.66 5.57
C ARG A 321 2.10 1.26 5.15
N LEU A 322 0.97 1.17 4.48
CA LEU A 322 0.48 -0.13 4.02
C LEU A 322 1.46 -0.71 3.01
N TYR A 323 2.04 0.11 2.14
CA TYR A 323 3.01 -0.44 1.18
C TYR A 323 4.23 -0.99 1.94
N ALA A 324 4.57 -0.37 3.07
CA ALA A 324 5.72 -0.86 3.83
C ALA A 324 5.36 -2.18 4.48
N LYS A 325 4.19 -2.25 5.08
CA LYS A 325 3.72 -3.46 5.76
C LYS A 325 3.47 -4.64 4.80
N TYR A 326 3.15 -4.35 3.54
CA TYR A 326 2.86 -5.40 2.56
C TYR A 326 3.86 -6.54 2.52
N PHE A 327 5.15 -6.22 2.59
CA PHE A 327 6.18 -7.26 2.60
C PHE A 327 6.85 -7.39 3.97
N GLN A 328 6.06 -7.23 5.02
CA GLN A 328 6.54 -7.35 6.41
C GLN A 328 7.41 -6.17 6.87
N GLY A 329 7.22 -5.00 6.30
CA GLY A 329 7.98 -3.83 6.71
C GLY A 329 7.13 -2.92 7.57
N ASP A 330 7.54 -1.68 7.75
CA ASP A 330 6.76 -0.73 8.53
C ASP A 330 7.20 0.67 8.17
N LEU A 331 6.40 1.67 8.55
CA LEU A 331 6.74 3.06 8.28
C LEU A 331 6.38 3.80 9.55
N GLN A 332 7.34 4.47 10.17
CA GLN A 332 7.06 5.18 11.43
C GLN A 332 7.57 6.63 11.47
N LEU A 333 6.94 7.45 12.29
CA LEU A 333 7.30 8.86 12.44
C LEU A 333 7.54 9.22 13.87
N PHE A 334 8.50 10.09 14.11
CA PHE A 334 8.74 10.64 15.43
C PHE A 334 9.43 11.98 15.31
N SER A 335 8.76 13.02 15.77
CA SER A 335 9.37 14.32 15.69
C SER A 335 9.66 14.87 17.06
N MET A 336 10.27 16.04 17.02
CA MET A 336 10.66 16.81 18.19
C MET A 336 10.02 18.15 17.90
N GLU A 337 8.90 18.44 18.56
CA GLU A 337 8.23 19.69 18.32
C GLU A 337 9.17 20.87 18.59
N GLY A 338 9.25 21.76 17.62
CA GLY A 338 10.12 22.92 17.75
C GLY A 338 11.45 22.69 17.04
N PHE A 339 11.66 21.50 16.49
CA PHE A 339 12.93 21.22 15.80
C PHE A 339 12.78 20.53 14.46
N GLY A 340 12.31 19.29 14.46
CA GLY A 340 12.17 18.57 13.20
C GLY A 340 11.54 17.18 13.33
N THR A 341 11.60 16.40 12.26
CA THR A 341 10.97 15.08 12.24
C THR A 341 11.82 14.02 11.54
N ASP A 342 11.80 12.80 12.10
CA ASP A 342 12.50 11.67 11.48
C ASP A 342 11.40 10.69 10.99
N ALA A 343 11.51 10.27 9.75
CA ALA A 343 10.56 9.33 9.19
C ALA A 343 11.45 8.14 8.84
N VAL A 344 11.02 6.94 9.22
CA VAL A 344 11.82 5.77 8.94
C VAL A 344 11.01 4.67 8.23
N ILE A 345 11.58 4.11 7.17
CA ILE A 345 10.95 3.02 6.46
C ILE A 345 11.76 1.75 6.80
N TYR A 346 11.11 0.74 7.36
CA TYR A 346 11.78 -0.52 7.70
C TYR A 346 11.34 -1.58 6.67
N LEU A 347 12.30 -2.18 5.96
CA LEU A 347 12.06 -3.23 4.95
C LEU A 347 12.86 -4.48 5.37
N LYS A 348 12.46 -5.66 4.88
CA LYS A 348 13.21 -6.87 5.20
C LYS A 348 14.40 -6.91 4.26
N ALA A 349 15.59 -7.11 4.81
CA ALA A 349 16.81 -7.16 4.00
C ALA A 349 16.88 -8.39 3.07
N LEU A 350 16.37 -9.52 3.55
CA LEU A 350 16.42 -10.77 2.80
C LEU A 350 15.15 -11.16 2.04
N SER A 351 15.31 -11.58 0.79
CA SER A 351 14.19 -11.99 -0.03
C SER A 351 13.40 -13.12 0.66
N THR A 352 14.08 -13.82 1.55
CA THR A 352 13.49 -14.91 2.31
C THR A 352 12.39 -14.47 3.26
N ASP A 353 12.62 -13.37 3.98
CA ASP A 353 11.66 -12.86 4.95
C ASP A 353 10.60 -11.94 4.33
N SER A 354 10.74 -11.67 3.04
CA SER A 354 9.81 -10.80 2.35
C SER A 354 8.62 -11.61 1.84
N VAL A 355 7.57 -11.66 2.64
CA VAL A 355 6.37 -12.40 2.28
C VAL A 355 5.12 -11.55 2.43
N GLU A 356 4.21 -11.70 1.48
CA GLU A 356 2.96 -10.94 1.49
C GLU A 356 2.26 -10.95 2.84
N ARG A 357 1.74 -9.81 3.22
CA ARG A 357 1.01 -9.62 4.47
C ARG A 357 -0.44 -9.45 3.98
N LEU A 358 -1.27 -10.48 4.17
CA LEU A 358 -2.65 -10.47 3.67
C LEU A 358 -3.74 -10.66 4.68
N PRO A 359 -4.80 -9.84 4.61
CA PRO A 359 -5.90 -9.98 5.56
C PRO A 359 -6.77 -11.19 5.17
N VAL A 360 -7.44 -11.77 6.16
CA VAL A 360 -8.32 -12.93 5.92
C VAL A 360 -9.58 -12.78 6.73
N TYR A 361 -10.72 -13.12 6.13
CA TYR A 361 -11.99 -13.03 6.83
C TYR A 361 -12.22 -14.21 7.77
N ASN A 362 -12.20 -13.92 9.08
CA ASN A 362 -12.41 -14.93 10.11
C ASN A 362 -13.41 -14.45 11.16
N LYS A 363 -13.58 -15.28 12.18
CA LYS A 363 -14.44 -14.95 13.32
C LYS A 363 -13.59 -13.96 14.12
N SER A 364 -12.27 -14.05 13.88
CA SER A 364 -11.29 -13.19 14.52
C SER A 364 -11.49 -11.75 14.05
N ALA A 365 -11.62 -11.59 12.74
CA ALA A 365 -11.82 -10.29 12.14
C ALA A 365 -13.19 -9.71 12.51
N TRP A 366 -14.19 -10.57 12.57
CA TRP A 366 -15.56 -10.16 12.90
C TRP A 366 -15.69 -9.33 14.17
N ARG A 367 -15.05 -9.76 15.26
CA ARG A 367 -15.15 -9.04 16.52
C ARG A 367 -14.42 -7.69 16.65
N HIS A 368 -13.67 -7.31 15.62
CA HIS A 368 -12.99 -6.01 15.65
C HIS A 368 -14.02 -4.94 15.32
N TYR A 369 -15.19 -5.39 14.86
CA TYR A 369 -16.30 -4.53 14.49
C TYR A 369 -17.43 -4.60 15.53
N GLN A 370 -17.13 -5.17 16.69
CA GLN A 370 -18.13 -5.32 17.74
C GLN A 370 -17.95 -4.28 18.83
N THR A 371 -17.07 -3.31 18.57
CA THR A 371 -16.81 -2.26 19.53
C THR A 371 -18.12 -1.57 19.84
N ILE A 372 -18.41 -1.46 21.13
CA ILE A 372 -19.61 -0.83 21.64
C ILE A 372 -19.06 0.11 22.71
N GLN A 373 -18.11 0.95 22.31
CA GLN A 373 -17.47 1.87 23.25
C GLN A 373 -18.44 2.81 23.94
N GLU A 374 -18.12 3.08 25.20
CA GLU A 374 -18.91 3.95 26.06
C GLU A 374 -18.37 3.84 27.50
N ALA A 375 -17.25 4.53 27.77
CA ALA A 375 -16.57 4.58 29.09
C ALA A 375 -15.32 3.70 29.19
N GLY A 376 -14.17 4.33 29.04
CA GLY A 376 -12.89 3.62 29.06
C GLY A 376 -12.37 3.03 30.36
N ASP A 377 -11.25 2.31 30.24
CA ASP A 377 -10.57 1.64 31.36
C ASP A 377 -9.57 2.55 32.08
N TRP A 378 -9.42 3.76 31.57
CA TRP A 378 -8.53 4.75 32.16
C TRP A 378 -9.40 5.96 32.47
N CYS A 379 -9.02 6.75 33.46
CA CYS A 379 -9.80 7.93 33.83
C CYS A 379 -8.93 9.18 33.98
N VAL A 380 -8.96 9.77 35.07
#